data_1M0I
#
_entry.id   1M0I
#
_cell.length_a   123.440
_cell.length_b   134.550
_cell.length_c   61.390
_cell.angle_alpha   90.00
_cell.angle_beta   90.00
_cell.angle_gamma   90.00
#
_symmetry.space_group_name_H-M   'P 21 21 2'
#
loop_
_entity.id
_entity.type
_entity.pdbx_description
1 polymer 'endodeoxyribonuclease I'
2 non-polymer 'SULFATE ION'
3 water water
#
_entity_poly.entity_id   1
_entity_poly.type   'polypeptide(L)'
_entity_poly.pdbx_seq_one_letter_code
;VGAFRSGLEDKVSKQLESKGIKFEYEEWKVPYVIPASNHTYTPDFLLPNGIFVETKGLWESDDRKKHLLIREQHPELDIR
IVFSSSRTKLYKGSPTSYGEFCEKHGIKFADKLIPAEWIKEPKKEVPFDRLKRKGGKK
;
_entity_poly.pdbx_strand_id   A,B,C,D
#
loop_
_chem_comp.id
_chem_comp.type
_chem_comp.name
_chem_comp.formula
SO4 non-polymer 'SULFATE ION' 'O4 S -2'
#
# COMPACT_ATOMS: atom_id res chain seq x y z
N SER A 6 8.71 -2.31 28.94
CA SER A 6 8.40 -3.72 28.58
C SER A 6 8.36 -4.63 29.81
N GLY A 7 8.07 -5.90 29.59
CA GLY A 7 8.01 -6.86 30.68
C GLY A 7 9.44 -7.33 30.91
N LEU A 8 10.17 -7.49 29.81
CA LEU A 8 11.54 -7.93 29.91
C LEU A 8 12.42 -6.94 30.68
N GLU A 9 12.31 -5.66 30.33
CA GLU A 9 13.09 -4.64 31.01
C GLU A 9 12.80 -4.65 32.50
N ASP A 10 11.53 -4.85 32.87
CA ASP A 10 11.17 -4.89 34.30
C ASP A 10 11.81 -6.06 35.02
N LYS A 11 11.82 -7.23 34.40
CA LYS A 11 12.43 -8.37 35.05
C LYS A 11 13.89 -8.07 35.32
N VAL A 12 14.60 -7.63 34.27
CA VAL A 12 16.03 -7.33 34.39
C VAL A 12 16.23 -6.26 35.45
N SER A 13 15.38 -5.26 35.42
CA SER A 13 15.48 -4.16 36.38
C SER A 13 15.27 -4.71 37.79
N LYS A 14 14.26 -5.56 37.96
CA LYS A 14 14.01 -6.10 39.29
C LYS A 14 15.19 -6.96 39.73
N GLN A 15 15.86 -7.59 38.77
CA GLN A 15 17.00 -8.46 39.07
C GLN A 15 18.17 -7.68 39.67
N LEU A 16 18.63 -6.65 38.95
CA LEU A 16 19.75 -5.85 39.38
C LEU A 16 19.52 -5.27 40.77
N GLU A 17 18.35 -4.65 40.94
CA GLU A 17 18.00 -4.07 42.24
C GLU A 17 18.02 -5.09 43.37
N SER A 18 17.43 -6.27 43.13
CA SER A 18 17.39 -7.28 44.16
C SER A 18 18.80 -7.66 44.61
N LYS A 19 19.76 -7.58 43.69
CA LYS A 19 21.14 -7.92 43.99
C LYS A 19 21.93 -6.67 44.35
N GLY A 20 21.22 -5.57 44.59
CA GLY A 20 21.89 -4.33 44.92
C GLY A 20 22.91 -3.84 43.91
N ILE A 21 22.63 -4.02 42.62
CA ILE A 21 23.51 -3.58 41.56
C ILE A 21 23.01 -2.21 41.10
N LYS A 22 23.81 -1.18 41.27
CA LYS A 22 23.36 0.14 40.86
C LYS A 22 23.57 0.15 39.35
N PHE A 23 22.62 0.69 38.59
CA PHE A 23 22.74 0.71 37.13
C PHE A 23 22.11 1.96 36.58
N GLU A 24 22.43 2.30 35.34
CA GLU A 24 21.81 3.46 34.70
C GLU A 24 20.86 2.97 33.60
N TYR A 25 19.73 3.62 33.49
CA TYR A 25 18.69 3.22 32.56
C TYR A 25 18.35 4.25 31.49
N GLU A 26 18.57 3.89 30.22
CA GLU A 26 18.29 4.78 29.09
C GLU A 26 18.87 6.17 29.28
N GLU A 27 19.97 6.25 29.99
CA GLU A 27 20.62 7.50 30.29
C GLU A 27 21.56 7.96 29.18
N TRP A 28 22.02 7.00 28.37
CA TRP A 28 22.99 7.30 27.33
C TRP A 28 22.67 6.96 25.86
N LYS A 29 22.98 7.90 24.99
CA LYS A 29 22.75 7.77 23.55
C LYS A 29 24.06 7.58 22.78
N VAL A 30 24.07 6.65 21.82
CA VAL A 30 25.23 6.41 20.97
C VAL A 30 24.93 6.86 19.53
N PRO A 31 25.63 7.88 19.03
CA PRO A 31 25.33 8.31 17.65
C PRO A 31 25.92 7.32 16.67
N TYR A 32 25.33 7.27 15.48
CA TYR A 32 25.82 6.44 14.41
C TYR A 32 25.15 6.96 13.14
N VAL A 33 25.75 6.67 11.99
CA VAL A 33 25.22 7.08 10.71
C VAL A 33 24.89 5.87 9.86
N ILE A 34 23.81 5.94 9.09
CA ILE A 34 23.47 4.86 8.19
C ILE A 34 24.03 5.33 6.85
N PRO A 35 24.96 4.57 6.29
CA PRO A 35 25.59 4.92 5.01
C PRO A 35 24.61 5.13 3.86
N ALA A 36 25.04 5.96 2.91
CA ALA A 36 24.24 6.29 1.75
C ALA A 36 24.24 5.04 0.92
N SER A 37 23.12 4.77 0.25
CA SER A 37 23.04 3.57 -0.57
C SER A 37 22.62 3.88 -1.99
N ASN A 38 23.04 3.02 -2.91
CA ASN A 38 22.74 3.17 -4.34
C ASN A 38 21.58 2.26 -4.79
N HIS A 39 20.72 2.79 -5.65
CA HIS A 39 19.61 2.00 -6.14
C HIS A 39 19.26 2.41 -7.55
N THR A 40 18.28 1.74 -8.12
CA THR A 40 17.82 2.11 -9.43
C THR A 40 16.33 2.07 -9.40
N TYR A 41 15.73 2.88 -10.24
CA TYR A 41 14.31 2.91 -10.35
C TYR A 41 14.01 2.73 -11.83
N THR A 42 12.99 1.95 -12.14
CA THR A 42 12.60 1.71 -13.52
C THR A 42 11.20 2.27 -13.80
N PRO A 43 11.12 3.47 -14.40
CA PRO A 43 9.79 4.06 -14.72
C PRO A 43 9.04 3.12 -15.66
N ASP A 44 7.74 2.96 -15.48
CA ASP A 44 6.97 2.06 -16.34
C ASP A 44 7.04 2.37 -17.83
N PHE A 45 6.73 3.61 -18.22
CA PHE A 45 6.74 3.98 -19.64
C PHE A 45 7.61 5.16 -19.98
N LEU A 46 8.14 5.14 -21.20
CA LEU A 46 8.91 6.25 -21.74
C LEU A 46 8.22 6.65 -23.06
N LEU A 47 7.72 7.87 -23.11
CA LEU A 47 7.07 8.41 -24.29
C LEU A 47 8.07 9.05 -25.26
N PRO A 48 7.75 9.03 -26.56
CA PRO A 48 8.57 9.58 -27.65
C PRO A 48 9.05 10.99 -27.39
N ASN A 49 8.22 11.81 -26.76
CA ASN A 49 8.64 13.20 -26.49
C ASN A 49 9.54 13.33 -25.25
N GLY A 50 10.05 12.20 -24.73
CA GLY A 50 10.92 12.22 -23.57
C GLY A 50 10.27 12.27 -22.20
N ILE A 51 8.98 12.00 -22.16
CA ILE A 51 8.31 12.02 -20.88
C ILE A 51 8.21 10.64 -20.29
N PHE A 52 8.65 10.48 -19.05
CA PHE A 52 8.55 9.19 -18.37
C PHE A 52 7.23 9.17 -17.59
N VAL A 53 6.58 8.02 -17.56
CA VAL A 53 5.34 7.93 -16.84
C VAL A 53 5.31 6.68 -15.98
N GLU A 54 5.04 6.88 -14.70
CA GLU A 54 4.96 5.79 -13.75
C GLU A 54 3.46 5.63 -13.49
N THR A 55 2.97 4.40 -13.40
CA THR A 55 1.58 4.15 -13.08
C THR A 55 1.61 3.70 -11.63
N LYS A 56 0.61 4.07 -10.85
CA LYS A 56 0.59 3.70 -9.43
C LYS A 56 -0.80 3.56 -8.85
N GLY A 57 -0.93 2.57 -7.97
CA GLY A 57 -2.17 2.33 -7.26
C GLY A 57 -1.78 2.85 -5.89
N LEU A 58 -1.38 1.94 -5.00
CA LEU A 58 -0.94 2.30 -3.66
C LEU A 58 0.44 2.95 -3.77
N TRP A 59 0.56 4.17 -3.27
CA TRP A 59 1.83 4.88 -3.30
C TRP A 59 2.44 5.05 -1.89
N GLU A 60 3.27 4.10 -1.50
CA GLU A 60 3.92 4.12 -0.17
C GLU A 60 4.99 5.18 0.08
N SER A 61 5.11 5.55 1.35
CA SER A 61 6.09 6.55 1.84
C SER A 61 7.47 6.52 1.21
N ASP A 62 8.07 5.34 1.11
CA ASP A 62 9.38 5.19 0.51
C ASP A 62 9.37 5.64 -0.95
N ASP A 63 8.34 5.20 -1.67
CA ASP A 63 8.21 5.55 -3.07
C ASP A 63 8.12 7.08 -3.23
N ARG A 64 7.36 7.74 -2.37
CA ARG A 64 7.29 9.19 -2.48
C ARG A 64 8.67 9.82 -2.32
N LYS A 65 9.44 9.34 -1.33
CA LYS A 65 10.79 9.87 -1.08
C LYS A 65 11.68 9.59 -2.27
N LYS A 66 11.56 8.40 -2.83
CA LYS A 66 12.37 8.07 -3.99
C LYS A 66 12.13 9.16 -5.07
N HIS A 67 10.87 9.45 -5.37
CA HIS A 67 10.56 10.47 -6.37
C HIS A 67 11.17 11.82 -6.01
N LEU A 68 11.02 12.25 -4.76
CA LEU A 68 11.63 13.52 -4.35
C LEU A 68 13.15 13.47 -4.55
N LEU A 69 13.76 12.33 -4.25
CA LEU A 69 15.21 12.20 -4.42
C LEU A 69 15.60 12.22 -5.89
N ILE A 70 14.85 11.48 -6.71
CA ILE A 70 15.20 11.44 -8.12
C ILE A 70 15.05 12.82 -8.73
N ARG A 71 14.08 13.61 -8.28
CA ARG A 71 13.97 14.93 -8.84
C ARG A 71 15.16 15.80 -8.46
N GLU A 72 15.58 15.70 -7.20
CA GLU A 72 16.73 16.47 -6.74
C GLU A 72 17.99 16.03 -7.51
N GLN A 73 18.23 14.73 -7.59
CA GLN A 73 19.41 14.21 -8.31
C GLN A 73 19.40 14.30 -9.84
N HIS A 74 18.23 14.19 -10.45
CA HIS A 74 18.12 14.25 -11.90
C HIS A 74 17.01 15.21 -12.31
N PRO A 75 17.27 16.52 -12.19
CA PRO A 75 16.32 17.58 -12.52
C PRO A 75 15.93 17.63 -13.98
N GLU A 76 16.78 17.10 -14.86
CA GLU A 76 16.49 17.12 -16.29
C GLU A 76 15.59 15.97 -16.72
N LEU A 77 15.30 15.06 -15.79
CA LEU A 77 14.40 13.95 -16.06
C LEU A 77 13.02 14.47 -15.81
N ASP A 78 12.09 14.14 -16.70
CA ASP A 78 10.70 14.57 -16.58
C ASP A 78 9.94 13.28 -16.26
N ILE A 79 9.66 13.05 -14.98
CA ILE A 79 8.95 11.84 -14.55
C ILE A 79 7.59 12.20 -13.93
N ARG A 80 6.52 11.71 -14.55
CA ARG A 80 5.16 12.00 -14.09
C ARG A 80 4.43 10.74 -13.63
N ILE A 81 3.34 10.95 -12.91
CA ILE A 81 2.58 9.82 -12.39
C ILE A 81 1.11 9.80 -12.79
N VAL A 82 0.64 8.60 -13.13
CA VAL A 82 -0.76 8.36 -13.45
C VAL A 82 -1.26 7.42 -12.34
N PHE A 83 -2.21 7.89 -11.54
CA PHE A 83 -2.75 7.09 -10.43
C PHE A 83 -4.09 6.49 -10.72
N SER A 84 -4.38 5.35 -10.08
CA SER A 84 -5.73 4.77 -10.18
C SER A 84 -6.59 5.86 -9.54
N SER A 85 -6.07 6.43 -8.46
CA SER A 85 -6.77 7.52 -7.79
C SER A 85 -5.83 8.46 -7.03
N SER A 86 -5.69 9.68 -7.50
CA SER A 86 -4.83 10.61 -6.82
C SER A 86 -5.50 11.20 -5.58
N ARG A 87 -6.74 10.78 -5.30
CA ARG A 87 -7.47 11.30 -4.14
C ARG A 87 -7.10 10.55 -2.88
N THR A 88 -6.62 9.32 -3.06
CA THR A 88 -6.21 8.48 -1.95
C THR A 88 -5.34 9.30 -1.00
N LYS A 89 -5.51 9.08 0.31
CA LYS A 89 -4.76 9.82 1.33
C LYS A 89 -3.43 9.14 1.55
N LEU A 90 -2.40 9.94 1.89
CA LEU A 90 -1.08 9.38 2.12
C LEU A 90 -1.14 8.12 2.97
N TYR A 91 -1.89 8.17 4.07
CA TYR A 91 -2.03 7.01 4.94
C TYR A 91 -3.36 6.99 5.67
N LYS A 92 -3.52 5.98 6.53
CA LYS A 92 -4.73 5.79 7.32
C LYS A 92 -5.56 7.06 7.53
N GLY A 93 -5.24 7.81 8.58
CA GLY A 93 -6.01 9.01 8.84
C GLY A 93 -5.42 10.31 8.32
N SER A 94 -4.64 10.25 7.25
CA SER A 94 -4.06 11.46 6.71
C SER A 94 -5.11 12.34 6.04
N PRO A 95 -4.85 13.65 6.02
CA PRO A 95 -5.72 14.66 5.42
C PRO A 95 -5.19 14.98 4.03
N THR A 96 -3.90 14.69 3.85
CA THR A 96 -3.21 14.94 2.59
C THR A 96 -3.39 13.78 1.59
N SER A 97 -3.56 14.12 0.33
CA SER A 97 -3.73 13.09 -0.71
C SER A 97 -2.55 13.05 -1.67
N TYR A 98 -2.39 11.90 -2.33
CA TYR A 98 -1.34 11.72 -3.33
C TYR A 98 -1.21 12.97 -4.19
N GLY A 99 -2.34 13.39 -4.79
CA GLY A 99 -2.31 14.56 -5.64
C GLY A 99 -1.79 15.79 -4.92
N GLU A 100 -2.26 16.02 -3.69
CA GLU A 100 -1.82 17.17 -2.94
C GLU A 100 -0.31 17.10 -2.78
N PHE A 101 0.18 15.95 -2.32
CA PHE A 101 1.62 15.79 -2.18
C PHE A 101 2.31 16.17 -3.48
N CYS A 102 1.86 15.61 -4.60
CA CYS A 102 2.46 15.94 -5.90
C CYS A 102 2.47 17.45 -6.18
N GLU A 103 1.35 18.10 -5.89
CA GLU A 103 1.28 19.54 -6.12
C GLU A 103 2.33 20.24 -5.28
N LYS A 104 2.48 19.83 -4.03
CA LYS A 104 3.45 20.44 -3.13
C LYS A 104 4.88 20.28 -3.68
N HIS A 105 5.16 19.18 -4.37
CA HIS A 105 6.51 18.99 -4.86
C HIS A 105 6.71 19.18 -6.35
N GLY A 106 5.69 19.68 -7.03
CA GLY A 106 5.83 19.91 -8.45
C GLY A 106 5.90 18.64 -9.27
N ILE A 107 5.21 17.60 -8.82
CA ILE A 107 5.20 16.37 -9.57
C ILE A 107 3.92 16.40 -10.36
N LYS A 108 4.07 16.31 -11.67
CA LYS A 108 2.92 16.32 -12.55
C LYS A 108 2.23 14.97 -12.46
N PHE A 109 0.91 14.98 -12.32
CA PHE A 109 0.16 13.74 -12.19
C PHE A 109 -1.19 13.80 -12.89
N ALA A 110 -1.88 12.66 -12.92
CA ALA A 110 -3.20 12.55 -13.52
C ALA A 110 -3.78 11.21 -13.07
N ASP A 111 -5.05 10.98 -13.38
CA ASP A 111 -5.67 9.71 -13.00
C ASP A 111 -5.99 8.81 -14.20
N LYS A 112 -5.95 7.52 -13.92
CA LYS A 112 -6.30 6.43 -14.83
C LYS A 112 -5.65 6.27 -16.18
N LEU A 113 -5.35 7.38 -16.85
CA LEU A 113 -4.81 7.32 -18.19
C LEU A 113 -3.85 8.48 -18.41
N ILE A 114 -2.97 8.36 -19.40
CA ILE A 114 -2.03 9.43 -19.69
C ILE A 114 -2.79 10.54 -20.40
N PRO A 115 -2.86 11.74 -19.81
CA PRO A 115 -3.59 12.83 -20.47
C PRO A 115 -3.07 13.09 -21.88
N ALA A 116 -4.02 13.37 -22.76
CA ALA A 116 -3.78 13.67 -24.17
C ALA A 116 -2.74 14.77 -24.37
N GLU A 117 -2.82 15.82 -23.58
CA GLU A 117 -1.86 16.93 -23.74
C GLU A 117 -0.41 16.54 -23.49
N TRP A 118 -0.16 15.61 -22.56
CA TRP A 118 1.22 15.23 -22.28
C TRP A 118 1.81 14.62 -23.53
N ILE A 119 1.05 13.72 -24.14
CA ILE A 119 1.54 13.05 -25.35
C ILE A 119 1.93 14.04 -26.44
N LYS A 120 1.32 15.21 -26.39
CA LYS A 120 1.53 16.24 -27.39
C LYS A 120 2.58 17.28 -27.08
N GLU A 121 3.21 17.22 -25.91
CA GLU A 121 4.22 18.22 -25.63
C GLU A 121 5.42 17.95 -26.54
N PRO A 122 6.09 19.01 -26.99
CA PRO A 122 7.26 18.82 -27.86
C PRO A 122 8.36 18.02 -27.24
N LYS A 123 8.86 17.06 -28.01
CA LYS A 123 9.95 16.19 -27.57
C LYS A 123 11.10 16.95 -26.91
N LYS A 124 11.71 16.33 -25.91
CA LYS A 124 12.85 16.94 -25.25
C LYS A 124 13.95 15.93 -25.15
N GLU A 125 15.15 16.42 -24.94
CA GLU A 125 16.31 15.56 -24.84
C GLU A 125 16.28 14.77 -23.53
N VAL A 126 16.60 13.48 -23.61
CA VAL A 126 16.66 12.63 -22.43
C VAL A 126 18.11 12.17 -22.26
N PRO A 127 18.73 12.49 -21.10
CA PRO A 127 20.12 12.10 -20.84
C PRO A 127 20.33 10.62 -20.65
N PHE A 128 20.25 9.87 -21.75
CA PHE A 128 20.42 8.41 -21.67
C PHE A 128 21.78 7.91 -21.22
N ASP A 129 22.80 8.74 -21.41
CA ASP A 129 24.16 8.37 -20.99
C ASP A 129 24.11 8.11 -19.49
N ARG A 130 23.40 8.99 -18.78
CA ARG A 130 23.23 8.92 -17.34
C ARG A 130 22.31 7.81 -16.84
N LEU A 131 21.66 7.11 -17.76
CA LEU A 131 20.76 6.02 -17.41
C LEU A 131 21.40 4.71 -17.82
N LYS A 132 20.85 3.61 -17.34
CA LYS A 132 21.36 2.29 -17.68
C LYS A 132 20.19 1.56 -18.33
N ARG A 133 20.42 0.95 -19.48
CA ARG A 133 19.36 0.22 -20.17
C ARG A 133 18.93 -1.03 -19.39
N LYS A 134 18.28 -1.95 -20.06
CA LYS A 134 17.84 -3.17 -19.41
C LYS A 134 18.71 -4.31 -19.93
N SER B 6 -1.26 -5.92 -14.33
CA SER B 6 -2.08 -4.86 -13.66
C SER B 6 -3.08 -4.20 -14.61
N GLY B 7 -4.22 -3.77 -14.06
CA GLY B 7 -5.24 -3.12 -14.85
C GLY B 7 -4.77 -1.77 -15.35
N LEU B 8 -4.05 -1.04 -14.50
CA LEU B 8 -3.55 0.27 -14.85
C LEU B 8 -2.49 0.22 -15.97
N GLU B 9 -1.53 -0.71 -15.87
CA GLU B 9 -0.54 -0.78 -16.93
C GLU B 9 -1.18 -1.24 -18.24
N ASP B 10 -2.19 -2.08 -18.15
CA ASP B 10 -2.84 -2.59 -19.34
C ASP B 10 -3.64 -1.51 -20.06
N LYS B 11 -4.45 -0.77 -19.32
CA LYS B 11 -5.26 0.28 -19.90
C LYS B 11 -4.44 1.39 -20.51
N VAL B 12 -3.37 1.79 -19.81
CA VAL B 12 -2.52 2.86 -20.30
C VAL B 12 -1.80 2.46 -21.59
N SER B 13 -1.31 1.22 -21.66
CA SER B 13 -0.62 0.81 -22.88
C SER B 13 -1.64 0.64 -24.01
N LYS B 14 -2.87 0.29 -23.68
CA LYS B 14 -3.84 0.16 -24.75
C LYS B 14 -4.14 1.55 -25.27
N GLN B 15 -4.32 2.52 -24.37
CA GLN B 15 -4.58 3.88 -24.80
C GLN B 15 -3.46 4.37 -25.74
N LEU B 16 -2.20 4.10 -25.37
CA LEU B 16 -1.06 4.50 -26.18
C LEU B 16 -1.09 3.83 -27.55
N GLU B 17 -1.24 2.51 -27.58
CA GLU B 17 -1.27 1.79 -28.86
C GLU B 17 -2.36 2.30 -29.81
N SER B 18 -3.50 2.67 -29.24
CA SER B 18 -4.63 3.13 -30.00
C SER B 18 -4.35 4.48 -30.64
N LYS B 19 -3.46 5.28 -30.03
CA LYS B 19 -3.11 6.58 -30.58
C LYS B 19 -1.79 6.50 -31.39
N GLY B 20 -1.29 5.29 -31.64
CA GLY B 20 -0.07 5.18 -32.40
C GLY B 20 1.23 5.58 -31.71
N ILE B 21 1.23 5.68 -30.38
CA ILE B 21 2.43 6.11 -29.68
C ILE B 21 3.47 5.02 -29.42
N LYS B 22 4.67 5.21 -29.96
CA LYS B 22 5.74 4.24 -29.78
C LYS B 22 6.29 4.57 -28.39
N PHE B 23 6.14 3.64 -27.47
CA PHE B 23 6.60 3.89 -26.13
C PHE B 23 7.50 2.77 -25.68
N GLU B 24 8.45 3.06 -24.80
CA GLU B 24 9.32 1.99 -24.28
C GLU B 24 8.79 1.61 -22.91
N TYR B 25 8.68 0.32 -22.66
CA TYR B 25 8.16 -0.14 -21.39
C TYR B 25 9.24 -0.76 -20.54
N GLU B 26 9.46 -0.21 -19.34
CA GLU B 26 10.47 -0.70 -18.39
C GLU B 26 11.78 -0.98 -19.11
N GLU B 27 12.19 -0.03 -19.94
CA GLU B 27 13.40 -0.15 -20.73
C GLU B 27 14.58 0.60 -20.10
N TRP B 28 14.26 1.53 -19.21
CA TRP B 28 15.30 2.31 -18.61
C TRP B 28 15.37 2.38 -17.09
N LYS B 29 16.59 2.26 -16.57
CA LYS B 29 16.85 2.31 -15.15
C LYS B 29 17.45 3.66 -14.80
N VAL B 30 16.84 4.33 -13.83
CA VAL B 30 17.31 5.63 -13.35
C VAL B 30 18.06 5.34 -12.03
N PRO B 31 19.34 5.73 -11.96
CA PRO B 31 20.07 5.47 -10.72
C PRO B 31 19.78 6.59 -9.78
N TYR B 32 19.79 6.27 -8.49
CA TYR B 32 19.61 7.30 -7.49
C TYR B 32 20.24 6.85 -6.18
N VAL B 33 20.40 7.80 -5.27
CA VAL B 33 21.03 7.52 -4.01
C VAL B 33 20.16 7.86 -2.84
N ILE B 34 20.04 6.93 -1.89
CA ILE B 34 19.31 7.22 -0.67
C ILE B 34 20.38 7.80 0.23
N PRO B 35 20.20 9.05 0.67
CA PRO B 35 21.17 9.71 1.53
C PRO B 35 21.46 9.02 2.86
N ALA B 36 22.68 9.28 3.35
CA ALA B 36 23.11 8.80 4.63
C ALA B 36 22.16 9.45 5.60
N SER B 37 21.84 8.76 6.69
CA SER B 37 20.96 9.30 7.73
C SER B 37 21.64 9.25 9.11
N ASN B 38 21.28 10.21 9.96
CA ASN B 38 21.86 10.31 11.27
C ASN B 38 20.97 9.86 12.38
N HIS B 39 21.45 8.96 13.22
CA HIS B 39 20.61 8.52 14.34
C HIS B 39 21.35 8.42 15.67
N THR B 40 20.64 7.94 16.69
CA THR B 40 21.22 7.69 18.00
C THR B 40 20.53 6.44 18.56
N TYR B 41 21.29 5.60 19.24
CA TYR B 41 20.75 4.39 19.82
C TYR B 41 20.89 4.53 21.33
N THR B 42 19.85 4.19 22.06
CA THR B 42 19.87 4.27 23.51
C THR B 42 19.76 2.87 24.15
N PRO B 43 20.89 2.29 24.56
CA PRO B 43 20.88 0.96 25.19
C PRO B 43 20.00 1.05 26.43
N ASP B 44 19.35 -0.04 26.80
CA ASP B 44 18.46 0.01 27.96
C ASP B 44 19.19 0.18 29.27
N PHE B 45 20.25 -0.60 29.49
CA PHE B 45 20.98 -0.49 30.74
C PHE B 45 22.46 -0.32 30.53
N LEU B 46 23.10 0.28 31.53
CA LEU B 46 24.54 0.44 31.59
C LEU B 46 24.91 -0.01 33.00
N LEU B 47 25.68 -1.10 33.09
CA LEU B 47 26.12 -1.63 34.39
C LEU B 47 27.34 -0.85 34.93
N PRO B 48 27.63 -1.03 36.22
CA PRO B 48 28.78 -0.31 36.80
C PRO B 48 30.11 -0.62 36.14
N ASN B 49 30.30 -1.86 35.72
CA ASN B 49 31.57 -2.20 35.10
C ASN B 49 31.74 -1.71 33.66
N GLY B 50 30.78 -0.91 33.19
CA GLY B 50 30.87 -0.36 31.83
C GLY B 50 30.28 -1.15 30.69
N ILE B 51 29.58 -2.23 31.02
CA ILE B 51 28.94 -3.03 30.00
C ILE B 51 27.52 -2.52 29.75
N PHE B 52 27.18 -2.31 28.48
CA PHE B 52 25.82 -1.87 28.13
C PHE B 52 24.98 -3.10 27.79
N VAL B 53 23.72 -3.10 28.20
CA VAL B 53 22.86 -4.23 27.90
C VAL B 53 21.56 -3.82 27.27
N GLU B 54 21.29 -4.33 26.08
CA GLU B 54 20.02 -4.07 25.39
C GLU B 54 19.09 -5.29 25.67
N THR B 55 17.84 -5.04 26.03
CA THR B 55 16.89 -6.14 26.23
C THR B 55 16.05 -6.19 24.95
N LYS B 56 15.85 -7.39 24.41
CA LYS B 56 15.11 -7.51 23.17
C LYS B 56 14.11 -8.65 23.18
N GLY B 57 12.96 -8.39 22.58
CA GLY B 57 11.93 -9.39 22.45
C GLY B 57 12.03 -9.64 20.97
N LEU B 58 11.15 -9.02 20.20
CA LEU B 58 11.25 -9.15 18.76
C LEU B 58 12.51 -8.33 18.39
N TRP B 59 13.27 -8.81 17.40
CA TRP B 59 14.49 -8.14 16.98
C TRP B 59 14.52 -8.22 15.46
N GLU B 60 13.92 -7.20 14.84
CA GLU B 60 13.76 -7.07 13.39
C GLU B 60 15.03 -6.87 12.57
N SER B 61 14.89 -7.06 11.27
CA SER B 61 16.00 -6.91 10.34
C SER B 61 16.64 -5.53 10.46
N ASP B 62 15.83 -4.48 10.63
CA ASP B 62 16.40 -3.15 10.75
C ASP B 62 17.14 -2.95 12.06
N ASP B 63 16.62 -3.54 13.13
CA ASP B 63 17.26 -3.44 14.40
C ASP B 63 18.62 -4.19 14.34
N ARG B 64 18.67 -5.33 13.66
CA ARG B 64 19.91 -6.07 13.57
C ARG B 64 20.95 -5.26 12.82
N LYS B 65 20.55 -4.75 11.67
CA LYS B 65 21.45 -3.94 10.86
C LYS B 65 21.97 -2.77 11.69
N LYS B 66 21.12 -2.22 12.54
CA LYS B 66 21.48 -1.11 13.39
C LYS B 66 22.61 -1.54 14.32
N HIS B 67 22.45 -2.72 14.94
CA HIS B 67 23.47 -3.20 15.84
C HIS B 67 24.82 -3.38 15.17
N LEU B 68 24.84 -3.88 13.95
CA LEU B 68 26.11 -4.03 13.29
C LEU B 68 26.78 -2.67 13.00
N LEU B 69 26.00 -1.67 12.64
CA LEU B 69 26.60 -0.35 12.36
C LEU B 69 27.19 0.24 13.63
N ILE B 70 26.51 0.00 14.75
CA ILE B 70 26.97 0.51 16.02
C ILE B 70 28.28 -0.16 16.45
N ARG B 71 28.38 -1.47 16.26
CA ARG B 71 29.62 -2.13 16.59
C ARG B 71 30.76 -1.59 15.73
N GLU B 72 30.50 -1.38 14.43
CA GLU B 72 31.52 -0.85 13.52
C GLU B 72 31.98 0.58 13.90
N GLN B 73 31.03 1.48 14.08
CA GLN B 73 31.32 2.88 14.39
C GLN B 73 31.77 3.18 15.82
N HIS B 74 31.39 2.32 16.74
CA HIS B 74 31.77 2.51 18.13
C HIS B 74 32.37 1.24 18.73
N PRO B 75 33.46 0.76 18.14
CA PRO B 75 34.11 -0.46 18.66
C PRO B 75 34.64 -0.31 20.07
N GLU B 76 34.55 0.89 20.64
CA GLU B 76 35.05 1.12 22.01
C GLU B 76 33.99 0.80 23.05
N LEU B 77 32.75 0.62 22.61
CA LEU B 77 31.67 0.30 23.54
C LEU B 77 31.48 -1.21 23.60
N ASP B 78 31.04 -1.71 24.75
CA ASP B 78 30.77 -3.14 24.95
C ASP B 78 29.23 -3.19 25.05
N ILE B 79 28.59 -3.65 23.97
CA ILE B 79 27.12 -3.70 23.92
C ILE B 79 26.67 -5.14 23.79
N ARG B 80 25.89 -5.57 24.77
CA ARG B 80 25.42 -6.94 24.81
C ARG B 80 23.91 -6.97 24.78
N ILE B 81 23.37 -8.13 24.42
CA ILE B 81 21.94 -8.31 24.33
C ILE B 81 21.35 -9.44 25.17
N VAL B 82 20.30 -9.13 25.91
CA VAL B 82 19.56 -10.10 26.69
C VAL B 82 18.18 -10.29 25.97
N PHE B 83 17.98 -11.46 25.37
CA PHE B 83 16.71 -11.76 24.65
C PHE B 83 15.66 -12.46 25.50
N SER B 84 14.38 -12.31 25.11
CA SER B 84 13.26 -13.04 25.73
C SER B 84 13.57 -14.50 25.38
N SER B 85 13.98 -14.70 24.13
CA SER B 85 14.40 -15.99 23.60
C SER B 85 15.36 -15.82 22.44
N SER B 86 16.54 -16.40 22.58
CA SER B 86 17.55 -16.31 21.55
C SER B 86 17.35 -17.41 20.51
N ARG B 87 16.27 -18.16 20.67
CA ARG B 87 15.96 -19.25 19.74
C ARG B 87 15.06 -18.76 18.63
N THR B 88 14.39 -17.65 18.88
CA THR B 88 13.52 -17.05 17.87
C THR B 88 14.28 -16.96 16.53
N LYS B 89 13.59 -17.24 15.42
CA LYS B 89 14.22 -17.20 14.10
C LYS B 89 14.24 -15.77 13.60
N LEU B 90 15.20 -15.46 12.73
CA LEU B 90 15.35 -14.11 12.22
C LEU B 90 14.05 -13.56 11.67
N TYR B 91 13.40 -14.37 10.85
CA TYR B 91 12.11 -14.04 10.22
C TYR B 91 11.43 -15.36 9.83
N LYS B 92 10.13 -15.33 9.53
CA LYS B 92 9.37 -16.51 9.18
C LYS B 92 10.03 -17.30 8.06
N GLY B 93 10.33 -18.57 8.34
CA GLY B 93 10.96 -19.38 7.32
C GLY B 93 12.45 -19.40 7.45
N SER B 94 13.02 -18.33 8.00
CA SER B 94 14.45 -18.32 8.17
C SER B 94 14.79 -19.51 9.07
N PRO B 95 15.97 -20.10 8.86
CA PRO B 95 16.43 -21.25 9.65
C PRO B 95 17.35 -20.78 10.76
N THR B 96 17.87 -19.55 10.60
CA THR B 96 18.80 -18.95 11.54
C THR B 96 18.12 -18.25 12.73
N SER B 97 18.65 -18.47 13.93
CA SER B 97 18.09 -17.85 15.15
C SER B 97 18.84 -16.59 15.59
N TYR B 98 18.23 -15.79 16.45
CA TYR B 98 18.88 -14.57 16.95
C TYR B 98 20.23 -14.96 17.53
N GLY B 99 20.24 -15.99 18.38
CA GLY B 99 21.47 -16.43 19.00
C GLY B 99 22.56 -16.79 17.99
N GLU B 100 22.19 -17.36 16.85
CA GLU B 100 23.20 -17.73 15.87
C GLU B 100 23.71 -16.53 15.12
N PHE B 101 22.86 -15.52 14.99
CA PHE B 101 23.25 -14.30 14.30
C PHE B 101 24.30 -13.62 15.20
N CYS B 102 24.01 -13.54 16.49
CA CYS B 102 24.94 -12.95 17.45
C CYS B 102 26.31 -13.67 17.42
N GLU B 103 26.30 -15.01 17.44
CA GLU B 103 27.59 -15.73 17.42
C GLU B 103 28.33 -15.44 16.13
N LYS B 104 27.60 -15.39 15.02
CA LYS B 104 28.25 -15.12 13.75
C LYS B 104 28.90 -13.75 13.73
N HIS B 105 28.31 -12.78 14.41
CA HIS B 105 28.86 -11.43 14.41
C HIS B 105 29.60 -11.02 15.69
N GLY B 106 29.87 -11.98 16.59
CA GLY B 106 30.58 -11.68 17.81
C GLY B 106 29.84 -10.89 18.89
N ILE B 107 28.52 -10.81 18.80
CA ILE B 107 27.72 -10.11 19.79
C ILE B 107 27.45 -11.03 20.97
N LYS B 108 27.79 -10.61 22.18
CA LYS B 108 27.54 -11.44 23.35
C LYS B 108 26.07 -11.35 23.75
N PHE B 109 25.45 -12.48 24.07
CA PHE B 109 24.05 -12.45 24.43
C PHE B 109 23.72 -13.40 25.55
N ALA B 110 22.48 -13.30 26.04
CA ALA B 110 21.99 -14.18 27.10
C ALA B 110 20.46 -14.24 26.97
N ASP B 111 19.84 -15.07 27.80
CA ASP B 111 18.39 -15.19 27.73
C ASP B 111 17.73 -14.81 29.04
N LYS B 112 16.61 -14.10 28.92
CA LYS B 112 15.80 -13.68 30.06
C LYS B 112 16.37 -12.71 31.10
N LEU B 113 17.55 -13.01 31.62
CA LEU B 113 18.14 -12.16 32.64
C LEU B 113 19.63 -11.91 32.34
N ILE B 114 20.18 -10.84 32.87
CA ILE B 114 21.59 -10.58 32.67
C ILE B 114 22.44 -11.60 33.43
N PRO B 115 23.38 -12.27 32.74
CA PRO B 115 24.26 -13.27 33.37
C PRO B 115 25.04 -12.70 34.53
N ALA B 116 25.04 -13.42 35.64
CA ALA B 116 25.77 -13.00 36.83
C ALA B 116 27.25 -12.79 36.56
N GLU B 117 27.81 -13.64 35.72
CA GLU B 117 29.22 -13.55 35.37
C GLU B 117 29.53 -12.23 34.64
N TRP B 118 28.54 -11.63 33.98
CA TRP B 118 28.80 -10.37 33.26
C TRP B 118 28.94 -9.27 34.31
N ILE B 119 27.97 -9.23 35.21
CA ILE B 119 27.97 -8.25 36.28
C ILE B 119 29.32 -8.24 37.00
N LYS B 120 29.89 -9.42 37.21
CA LYS B 120 31.15 -9.54 37.90
C LYS B 120 32.40 -9.22 37.11
N GLU B 121 32.30 -8.97 35.80
CA GLU B 121 33.52 -8.68 35.04
C GLU B 121 34.16 -7.36 35.53
N PRO B 122 35.49 -7.30 35.61
CA PRO B 122 36.11 -6.05 36.08
C PRO B 122 35.69 -4.82 35.30
N LYS B 123 35.56 -3.71 36.00
CA LYS B 123 35.16 -2.45 35.38
C LYS B 123 36.10 -1.98 34.28
N LYS B 124 35.51 -1.40 33.23
CA LYS B 124 36.27 -0.84 32.14
C LYS B 124 35.67 0.53 31.99
N GLU B 125 36.51 1.56 31.89
CA GLU B 125 36.01 2.91 31.77
C GLU B 125 35.33 3.11 30.44
N VAL B 126 34.14 3.70 30.49
CA VAL B 126 33.37 4.01 29.30
C VAL B 126 33.73 5.42 28.84
N PRO B 127 33.98 5.60 27.55
CA PRO B 127 34.34 6.97 27.11
C PRO B 127 33.15 7.91 26.92
N PHE B 128 32.49 8.31 28.01
CA PHE B 128 31.33 9.19 27.90
C PHE B 128 31.47 10.43 27.02
N ASP B 129 32.69 10.92 26.78
CA ASP B 129 32.84 12.10 25.92
C ASP B 129 32.32 11.77 24.54
N ARG B 130 32.35 10.48 24.16
CA ARG B 130 31.88 10.05 22.84
C ARG B 130 30.35 9.95 22.77
N LEU B 131 29.68 9.91 23.93
CA LEU B 131 28.24 9.73 24.03
C LEU B 131 27.49 11.00 24.39
N LYS B 132 26.15 10.97 24.32
CA LYS B 132 25.31 12.11 24.64
C LYS B 132 24.21 11.67 25.63
N ARG B 133 24.17 12.37 26.76
CA ARG B 133 23.20 12.08 27.81
C ARG B 133 21.76 12.29 27.33
N LYS B 134 20.83 11.48 27.84
CA LYS B 134 19.41 11.60 27.48
C LYS B 134 18.96 13.05 27.72
N SER C 6 -22.88 18.74 4.67
CA SER C 6 -22.25 19.46 3.52
C SER C 6 -22.82 20.86 3.20
N GLY C 7 -21.95 21.77 2.77
CA GLY C 7 -22.38 23.13 2.46
C GLY C 7 -23.40 23.18 1.34
N LEU C 8 -23.25 22.29 0.36
CA LEU C 8 -24.20 22.27 -0.73
C LEU C 8 -25.52 21.61 -0.27
N GLU C 9 -25.40 20.47 0.39
CA GLU C 9 -26.59 19.77 0.87
C GLU C 9 -27.38 20.73 1.79
N ASP C 10 -26.66 21.45 2.64
CA ASP C 10 -27.27 22.40 3.54
C ASP C 10 -28.06 23.47 2.81
N LYS C 11 -27.43 24.12 1.84
CA LYS C 11 -28.13 25.16 1.12
C LYS C 11 -29.36 24.65 0.40
N VAL C 12 -29.26 23.46 -0.20
CA VAL C 12 -30.41 22.94 -0.92
C VAL C 12 -31.53 22.74 0.11
N SER C 13 -31.15 22.21 1.27
CA SER C 13 -32.12 21.99 2.32
C SER C 13 -32.73 23.35 2.70
N LYS C 14 -31.93 24.42 2.82
CA LYS C 14 -32.47 25.72 3.20
C LYS C 14 -33.37 26.27 2.11
N GLN C 15 -33.06 25.98 0.86
CA GLN C 15 -33.88 26.45 -0.24
C GLN C 15 -35.29 25.88 -0.10
N LEU C 16 -35.38 24.56 0.08
CA LEU C 16 -36.65 23.86 0.20
C LEU C 16 -37.45 24.29 1.42
N GLU C 17 -36.79 24.40 2.57
CA GLU C 17 -37.50 24.82 3.77
C GLU C 17 -37.98 26.26 3.63
N SER C 18 -37.15 27.12 3.04
CA SER C 18 -37.57 28.52 2.89
C SER C 18 -38.80 28.66 1.97
N LYS C 19 -39.11 27.64 1.18
CA LYS C 19 -40.25 27.73 0.27
C LYS C 19 -41.39 26.88 0.84
N GLY C 20 -41.13 26.29 2.01
CA GLY C 20 -42.11 25.44 2.65
C GLY C 20 -42.43 24.21 1.82
N ILE C 21 -41.42 23.68 1.14
CA ILE C 21 -41.65 22.50 0.36
C ILE C 21 -41.62 21.31 1.32
N LYS C 22 -42.67 20.49 1.26
CA LYS C 22 -42.78 19.31 2.10
C LYS C 22 -41.92 18.20 1.47
N PHE C 23 -40.62 18.25 1.72
CA PHE C 23 -39.72 17.25 1.14
C PHE C 23 -39.35 16.26 2.23
N GLU C 24 -38.79 15.12 1.84
CA GLU C 24 -38.38 14.13 2.84
C GLU C 24 -36.87 13.96 2.72
N TYR C 25 -36.19 14.18 3.84
CA TYR C 25 -34.75 14.08 3.94
C TYR C 25 -34.26 12.68 4.29
N GLU C 26 -33.36 12.14 3.46
CA GLU C 26 -32.78 10.82 3.66
C GLU C 26 -33.80 9.79 4.17
N GLU C 27 -35.00 9.80 3.62
CA GLU C 27 -36.06 8.92 4.09
C GLU C 27 -36.19 7.58 3.36
N TRP C 28 -35.59 7.47 2.19
CA TRP C 28 -35.71 6.25 1.40
C TRP C 28 -34.41 5.59 0.90
N LYS C 29 -34.38 4.27 1.03
CA LYS C 29 -33.23 3.47 0.63
C LYS C 29 -33.54 2.74 -0.69
N VAL C 30 -32.66 2.91 -1.66
CA VAL C 30 -32.83 2.26 -2.97
C VAL C 30 -31.96 1.02 -3.01
N PRO C 31 -32.57 -0.15 -3.13
CA PRO C 31 -31.79 -1.39 -3.19
C PRO C 31 -31.19 -1.57 -4.58
N TYR C 32 -29.96 -2.05 -4.67
CA TYR C 32 -29.37 -2.29 -5.98
C TYR C 32 -28.28 -3.37 -5.90
N VAL C 33 -28.00 -4.01 -7.03
CA VAL C 33 -27.03 -5.09 -7.09
C VAL C 33 -25.84 -4.86 -8.00
N ILE C 34 -24.64 -4.96 -7.46
CA ILE C 34 -23.49 -4.84 -8.31
C ILE C 34 -23.26 -6.23 -8.90
N PRO C 35 -23.47 -6.37 -10.21
CA PRO C 35 -23.30 -7.63 -10.94
C PRO C 35 -21.96 -8.34 -10.73
N ALA C 36 -21.97 -9.66 -10.82
CA ALA C 36 -20.75 -10.45 -10.69
C ALA C 36 -19.80 -9.96 -11.79
N SER C 37 -18.50 -10.02 -11.54
CA SER C 37 -17.50 -9.59 -12.52
C SER C 37 -16.38 -10.63 -12.62
N ASN C 38 -15.65 -10.60 -13.74
CA ASN C 38 -14.55 -11.55 -13.98
C ASN C 38 -13.20 -10.89 -14.16
N HIS C 39 -12.17 -11.40 -13.48
CA HIS C 39 -10.82 -10.80 -13.60
C HIS C 39 -9.81 -11.93 -13.58
N THR C 40 -8.54 -11.56 -13.59
CA THR C 40 -7.49 -12.56 -13.53
C THR C 40 -6.33 -12.13 -12.66
N TYR C 41 -5.90 -13.05 -11.80
CA TYR C 41 -4.77 -12.84 -10.90
C TYR C 41 -3.57 -13.62 -11.42
N THR C 42 -2.53 -12.88 -11.79
CA THR C 42 -1.32 -13.49 -12.31
C THR C 42 -0.24 -13.60 -11.21
N PRO C 43 -0.11 -14.79 -10.59
CA PRO C 43 0.89 -14.98 -9.54
C PRO C 43 2.27 -14.53 -9.98
N ASP C 44 3.01 -13.90 -9.07
CA ASP C 44 4.34 -13.41 -9.36
C ASP C 44 5.28 -14.53 -9.84
N PHE C 45 5.42 -15.60 -9.06
CA PHE C 45 6.30 -16.73 -9.42
C PHE C 45 5.64 -18.10 -9.38
N LEU C 46 6.09 -18.99 -10.27
CA LEU C 46 5.59 -20.35 -10.36
C LEU C 46 6.71 -21.39 -10.16
N LEU C 47 6.53 -22.24 -9.16
CA LEU C 47 7.51 -23.26 -8.83
C LEU C 47 7.31 -24.57 -9.57
N PRO C 48 8.37 -25.07 -10.23
CA PRO C 48 8.34 -26.33 -10.98
C PRO C 48 7.59 -27.48 -10.29
N ASN C 49 7.70 -27.59 -8.97
CA ASN C 49 7.01 -28.65 -8.25
C ASN C 49 5.53 -28.31 -7.96
N GLY C 50 5.00 -27.33 -8.69
CA GLY C 50 3.61 -26.92 -8.50
C GLY C 50 3.47 -25.54 -7.88
N ILE C 51 3.54 -25.51 -6.56
CA ILE C 51 3.43 -24.30 -5.75
C ILE C 51 3.60 -22.97 -6.47
N PHE C 52 2.60 -22.11 -6.33
CA PHE C 52 2.63 -20.77 -6.91
C PHE C 52 3.07 -19.87 -5.78
N VAL C 53 3.82 -18.82 -6.09
CA VAL C 53 4.28 -17.93 -5.02
C VAL C 53 4.07 -16.45 -5.30
N GLU C 54 3.29 -15.80 -4.43
CA GLU C 54 3.08 -14.37 -4.60
C GLU C 54 3.95 -13.61 -3.60
N THR C 55 4.71 -12.64 -4.11
CA THR C 55 5.54 -11.82 -3.26
C THR C 55 4.69 -10.58 -2.99
N LYS C 56 4.33 -10.36 -1.73
CA LYS C 56 3.51 -9.19 -1.39
C LYS C 56 4.20 -8.31 -0.37
N GLY C 57 3.99 -7.00 -0.50
CA GLY C 57 4.56 -6.04 0.44
C GLY C 57 3.41 -5.63 1.30
N LEU C 58 2.84 -4.45 1.05
CA LEU C 58 1.65 -4.03 1.79
C LEU C 58 0.64 -5.00 1.18
N TRP C 59 -0.39 -5.37 1.91
CA TRP C 59 -1.36 -6.33 1.37
C TRP C 59 -2.76 -5.77 1.45
N GLU C 60 -3.18 -5.08 0.39
CA GLU C 60 -4.49 -4.44 0.29
C GLU C 60 -5.65 -5.40 0.57
N SER C 61 -6.67 -4.90 1.27
CA SER C 61 -7.85 -5.69 1.64
C SER C 61 -8.50 -6.44 0.49
N ASP C 62 -8.46 -5.84 -0.70
CA ASP C 62 -9.08 -6.46 -1.86
C ASP C 62 -8.25 -7.58 -2.44
N ASP C 63 -6.96 -7.64 -2.09
CA ASP C 63 -6.11 -8.73 -2.55
C ASP C 63 -6.27 -9.89 -1.57
N ARG C 64 -6.64 -9.55 -0.33
CA ARG C 64 -6.87 -10.57 0.66
C ARG C 64 -8.15 -11.29 0.26
N LYS C 65 -9.18 -10.52 -0.09
CA LYS C 65 -10.45 -11.11 -0.53
C LYS C 65 -10.19 -11.96 -1.79
N LYS C 66 -9.45 -11.40 -2.75
CA LYS C 66 -9.12 -12.09 -3.98
C LYS C 66 -8.48 -13.45 -3.72
N HIS C 67 -7.57 -13.52 -2.76
CA HIS C 67 -6.93 -14.79 -2.46
C HIS C 67 -7.94 -15.80 -1.92
N LEU C 68 -8.88 -15.35 -1.08
CA LEU C 68 -9.90 -16.24 -0.53
C LEU C 68 -10.85 -16.72 -1.62
N LEU C 69 -11.09 -15.87 -2.61
CA LEU C 69 -11.95 -16.23 -3.72
C LEU C 69 -11.23 -17.18 -4.65
N ILE C 70 -9.92 -17.00 -4.84
CA ILE C 70 -9.21 -17.90 -5.74
C ILE C 70 -9.07 -19.27 -5.11
N ARG C 71 -9.01 -19.32 -3.79
CA ARG C 71 -8.89 -20.60 -3.10
C ARG C 71 -10.23 -21.30 -3.22
N GLU C 72 -11.30 -20.56 -2.94
CA GLU C 72 -12.65 -21.09 -3.01
C GLU C 72 -12.99 -21.62 -4.41
N GLN C 73 -12.51 -20.91 -5.43
CA GLN C 73 -12.78 -21.29 -6.83
C GLN C 73 -11.79 -22.24 -7.48
N HIS C 74 -10.63 -22.40 -6.88
CA HIS C 74 -9.62 -23.30 -7.45
C HIS C 74 -8.88 -24.01 -6.34
N PRO C 75 -9.59 -24.87 -5.57
CA PRO C 75 -8.95 -25.60 -4.49
C PRO C 75 -7.82 -26.36 -5.18
N GLU C 76 -8.01 -26.52 -6.49
CA GLU C 76 -7.07 -27.18 -7.35
C GLU C 76 -5.67 -26.59 -7.16
N LEU C 77 -5.58 -25.27 -7.09
CA LEU C 77 -4.30 -24.61 -6.93
C LEU C 77 -3.75 -24.53 -5.53
N ASP C 78 -2.44 -24.35 -5.46
CA ASP C 78 -1.71 -24.22 -4.20
C ASP C 78 -0.87 -22.95 -4.38
N ILE C 79 -1.39 -21.84 -3.87
CA ILE C 79 -0.71 -20.56 -3.96
C ILE C 79 -0.22 -20.17 -2.57
N ARG C 80 0.97 -19.60 -2.51
CA ARG C 80 1.54 -19.20 -1.23
C ARG C 80 2.08 -17.79 -1.29
N ILE C 81 2.32 -17.22 -0.12
CA ILE C 81 2.81 -15.85 -0.06
C ILE C 81 4.08 -15.63 0.75
N VAL C 82 4.92 -14.76 0.20
CA VAL C 82 6.17 -14.36 0.80
C VAL C 82 6.09 -12.85 0.95
N PHE C 83 5.87 -12.38 2.17
CA PHE C 83 5.78 -10.93 2.41
C PHE C 83 7.11 -10.37 2.88
N SER C 84 7.19 -9.05 2.90
CA SER C 84 8.39 -8.38 3.40
C SER C 84 8.36 -8.81 4.87
N SER C 85 7.20 -8.62 5.47
CA SER C 85 6.98 -8.97 6.86
C SER C 85 5.52 -9.40 7.07
N SER C 86 5.34 -10.61 7.58
CA SER C 86 4.00 -11.08 7.85
C SER C 86 3.55 -10.50 9.18
N ARG C 87 4.40 -9.65 9.76
CA ARG C 87 4.12 -9.00 11.04
C ARG C 87 3.07 -7.91 10.84
N THR C 88 3.22 -7.17 9.75
CA THR C 88 2.33 -6.07 9.41
C THR C 88 0.87 -6.32 9.82
N LYS C 89 0.27 -5.29 10.41
CA LYS C 89 -1.13 -5.36 10.81
C LYS C 89 -1.97 -5.16 9.56
N LEU C 90 -3.16 -5.75 9.53
CA LEU C 90 -4.05 -5.61 8.36
C LEU C 90 -4.08 -4.18 7.81
N TYR C 91 -4.34 -3.23 8.69
CA TYR C 91 -4.39 -1.80 8.35
C TYR C 91 -3.79 -0.99 9.50
N LYS C 92 -3.46 0.27 9.23
CA LYS C 92 -2.84 1.16 10.22
C LYS C 92 -3.18 0.86 11.69
N GLY C 93 -4.44 1.00 12.07
CA GLY C 93 -4.82 0.73 13.45
C GLY C 93 -5.14 -0.71 13.77
N SER C 94 -5.26 -1.54 12.72
CA SER C 94 -5.59 -2.96 12.87
C SER C 94 -4.88 -3.67 14.03
N PRO C 95 -5.55 -4.68 14.61
CA PRO C 95 -5.02 -5.46 15.71
C PRO C 95 -4.46 -6.80 15.23
N THR C 96 -4.81 -7.20 14.02
CA THR C 96 -4.35 -8.48 13.48
C THR C 96 -3.37 -8.35 12.30
N SER C 97 -2.41 -9.28 12.25
CA SER C 97 -1.36 -9.29 11.22
C SER C 97 -1.59 -10.22 10.02
N TYR C 98 -0.93 -9.89 8.91
CA TYR C 98 -1.02 -10.68 7.70
C TYR C 98 -0.86 -12.13 8.09
N GLY C 99 0.29 -12.44 8.68
CA GLY C 99 0.57 -13.80 9.11
C GLY C 99 -0.56 -14.42 9.89
N GLU C 100 -1.18 -13.61 10.77
CA GLU C 100 -2.29 -14.10 11.57
C GLU C 100 -3.40 -14.48 10.59
N PHE C 101 -3.76 -13.53 9.73
CA PHE C 101 -4.79 -13.73 8.72
C PHE C 101 -4.55 -15.04 7.98
N CYS C 102 -3.41 -15.12 7.29
CA CYS C 102 -3.07 -16.31 6.53
C CYS C 102 -3.35 -17.60 7.26
N GLU C 103 -3.11 -17.60 8.57
CA GLU C 103 -3.32 -18.79 9.36
C GLU C 103 -4.81 -19.10 9.51
N LYS C 104 -5.61 -18.09 9.84
CA LYS C 104 -7.05 -18.27 9.99
C LYS C 104 -7.73 -18.76 8.72
N HIS C 105 -7.08 -18.63 7.57
CA HIS C 105 -7.66 -19.05 6.29
C HIS C 105 -6.87 -20.12 5.56
N GLY C 106 -5.89 -20.71 6.25
CA GLY C 106 -5.09 -21.76 5.66
C GLY C 106 -4.21 -21.39 4.47
N ILE C 107 -3.63 -20.19 4.50
CA ILE C 107 -2.76 -19.78 3.41
C ILE C 107 -1.34 -20.00 3.87
N LYS C 108 -0.54 -20.67 3.04
CA LYS C 108 0.84 -20.91 3.40
C LYS C 108 1.65 -19.63 3.14
N PHE C 109 2.38 -19.20 4.17
CA PHE C 109 3.15 -17.96 4.09
C PHE C 109 4.51 -18.04 4.78
N ALA C 110 5.44 -17.27 4.24
CA ALA C 110 6.78 -17.20 4.81
C ALA C 110 7.29 -15.79 4.61
N ASP C 111 8.47 -15.52 5.14
CA ASP C 111 9.03 -14.19 5.05
C ASP C 111 10.31 -14.08 4.22
N LYS C 112 10.54 -12.85 3.77
CA LYS C 112 11.73 -12.46 3.02
C LYS C 112 12.04 -13.26 1.77
N LEU C 113 12.10 -14.58 1.89
CA LEU C 113 12.42 -15.41 0.75
C LEU C 113 11.63 -16.69 0.79
N ILE C 114 11.58 -17.38 -0.35
CA ILE C 114 10.84 -18.63 -0.41
C ILE C 114 11.62 -19.61 0.45
N PRO C 115 10.97 -20.21 1.45
CA PRO C 115 11.66 -21.16 2.31
C PRO C 115 12.21 -22.32 1.50
N ALA C 116 13.19 -23.03 2.08
CA ALA C 116 13.81 -24.15 1.42
C ALA C 116 12.87 -25.36 1.53
N GLU C 117 12.36 -25.57 2.74
CA GLU C 117 11.46 -26.68 3.03
C GLU C 117 10.28 -26.74 2.05
N TRP C 118 10.12 -25.66 1.27
CA TRP C 118 9.03 -25.57 0.29
C TRP C 118 9.41 -26.21 -1.05
N ILE C 119 10.52 -25.76 -1.63
CA ILE C 119 10.99 -26.26 -2.91
C ILE C 119 11.23 -27.77 -2.98
N LYS C 120 11.81 -28.33 -1.92
CA LYS C 120 12.09 -29.76 -1.88
C LYS C 120 10.83 -30.61 -1.96
N GLU C 121 9.69 -29.99 -1.69
CA GLU C 121 8.39 -30.68 -1.70
C GLU C 121 8.10 -31.52 -2.95
N PRO C 122 7.31 -32.61 -2.77
CA PRO C 122 6.90 -33.54 -3.81
C PRO C 122 6.12 -32.81 -4.90
N LYS C 123 6.68 -32.73 -6.10
CA LYS C 123 5.99 -32.05 -7.20
C LYS C 123 4.51 -32.42 -7.29
N LYS C 124 3.68 -31.42 -7.58
CA LYS C 124 2.23 -31.59 -7.72
C LYS C 124 1.83 -31.31 -9.17
N GLU C 125 0.63 -31.76 -9.54
CA GLU C 125 0.12 -31.55 -10.90
C GLU C 125 -0.65 -30.23 -11.05
N VAL C 126 -0.13 -29.34 -11.89
CA VAL C 126 -0.72 -28.02 -12.15
C VAL C 126 -1.88 -28.11 -13.12
N PRO C 127 -3.11 -28.10 -12.60
CA PRO C 127 -4.34 -28.20 -13.40
C PRO C 127 -4.41 -27.11 -14.49
N PHE C 128 -3.27 -26.82 -15.12
CA PHE C 128 -3.10 -25.80 -16.16
C PHE C 128 -4.19 -25.76 -17.24
N ASP C 129 -5.12 -26.71 -17.17
CA ASP C 129 -6.22 -26.77 -18.11
C ASP C 129 -7.00 -25.47 -17.98
N ARG C 130 -7.40 -25.13 -16.75
CA ARG C 130 -8.18 -23.93 -16.45
C ARG C 130 -7.40 -22.60 -16.49
N LEU C 131 -6.12 -22.61 -16.14
CA LEU C 131 -5.33 -21.38 -16.17
C LEU C 131 -5.18 -20.95 -17.61
N LYS C 132 -4.99 -19.65 -17.83
CA LYS C 132 -4.82 -19.12 -19.18
C LYS C 132 -3.38 -18.65 -19.33
N ARG C 133 -2.44 -19.60 -19.19
CA ARG C 133 -0.99 -19.35 -19.29
C ARG C 133 -0.60 -18.03 -19.96
N LYS C 134 -0.18 -17.07 -19.14
CA LYS C 134 0.25 -15.73 -19.55
C LYS C 134 0.01 -15.37 -21.02
N SER D 6 11.62 -5.70 -8.70
CA SER D 6 11.49 -4.77 -7.54
C SER D 6 12.45 -5.17 -6.42
N GLY D 7 12.07 -4.86 -5.18
CA GLY D 7 12.92 -5.20 -4.05
C GLY D 7 12.81 -6.67 -3.70
N LEU D 8 11.61 -7.10 -3.35
CA LEU D 8 11.36 -8.48 -2.97
C LEU D 8 11.33 -9.45 -4.17
N GLU D 9 10.61 -9.10 -5.24
CA GLU D 9 10.57 -9.98 -6.40
C GLU D 9 12.01 -10.23 -6.87
N ASP D 10 12.81 -9.16 -6.93
CA ASP D 10 14.20 -9.28 -7.37
C ASP D 10 15.03 -10.18 -6.47
N LYS D 11 14.93 -9.98 -5.15
CA LYS D 11 15.69 -10.80 -4.22
C LYS D 11 15.24 -12.28 -4.28
N VAL D 12 13.96 -12.51 -4.57
CA VAL D 12 13.43 -13.88 -4.66
C VAL D 12 13.88 -14.58 -5.94
N SER D 13 14.03 -13.81 -7.01
CA SER D 13 14.46 -14.36 -8.27
C SER D 13 15.97 -14.60 -8.26
N LYS D 14 16.72 -13.67 -7.65
CA LYS D 14 18.17 -13.80 -7.57
C LYS D 14 18.44 -15.06 -6.77
N GLN D 15 17.65 -15.23 -5.72
CA GLN D 15 17.75 -16.37 -4.81
C GLN D 15 17.34 -17.69 -5.46
N LEU D 16 16.38 -17.63 -6.38
CA LEU D 16 15.89 -18.83 -7.07
C LEU D 16 16.73 -19.15 -8.29
N GLU D 17 17.31 -18.12 -8.89
CA GLU D 17 18.14 -18.27 -10.07
C GLU D 17 19.47 -18.92 -9.69
N SER D 18 20.00 -18.52 -8.54
CA SER D 18 21.28 -19.04 -8.07
C SER D 18 21.18 -20.37 -7.32
N LYS D 19 20.14 -20.55 -6.50
CA LYS D 19 20.00 -21.80 -5.75
C LYS D 19 19.92 -22.96 -6.72
N GLY D 20 19.87 -22.65 -8.01
CA GLY D 20 19.80 -23.68 -9.03
C GLY D 20 18.38 -24.16 -9.28
N ILE D 21 17.45 -23.20 -9.35
CA ILE D 21 16.05 -23.51 -9.60
C ILE D 21 15.50 -22.67 -10.75
N LYS D 22 15.00 -23.34 -11.80
CA LYS D 22 14.43 -22.68 -12.97
C LYS D 22 12.98 -22.29 -12.66
N PHE D 23 12.66 -21.00 -12.78
CA PHE D 23 11.32 -20.54 -12.46
C PHE D 23 10.50 -19.90 -13.57
N GLU D 24 9.18 -19.91 -13.39
CA GLU D 24 8.26 -19.28 -14.32
C GLU D 24 7.73 -18.02 -13.64
N TYR D 25 8.12 -16.88 -14.21
CA TYR D 25 7.80 -15.55 -13.69
C TYR D 25 6.62 -14.89 -14.42
N GLU D 26 5.40 -15.30 -14.07
CA GLU D 26 4.17 -14.74 -14.67
C GLU D 26 3.74 -15.37 -15.99
N GLU D 27 3.93 -16.68 -16.12
CA GLU D 27 3.56 -17.42 -17.33
C GLU D 27 2.28 -18.20 -17.07
N TRP D 28 1.34 -17.54 -16.40
CA TRP D 28 0.07 -18.14 -16.09
C TRP D 28 -0.84 -17.16 -15.35
N LYS D 29 -1.99 -16.85 -15.95
CA LYS D 29 -2.95 -15.94 -15.35
C LYS D 29 -4.12 -16.80 -14.83
N VAL D 30 -4.49 -16.61 -13.57
CA VAL D 30 -5.59 -17.38 -13.00
C VAL D 30 -6.88 -16.57 -12.89
N PRO D 31 -7.88 -16.91 -13.72
CA PRO D 31 -9.19 -16.26 -13.78
C PRO D 31 -10.05 -16.56 -12.57
N TYR D 32 -10.79 -15.56 -12.12
CA TYR D 32 -11.68 -15.76 -10.98
C TYR D 32 -12.87 -14.84 -11.11
N VAL D 33 -13.89 -15.12 -10.31
CA VAL D 33 -15.11 -14.34 -10.36
C VAL D 33 -15.42 -13.69 -9.03
N ILE D 34 -15.63 -12.38 -9.07
CA ILE D 34 -16.03 -11.68 -7.88
C ILE D 34 -17.55 -11.80 -7.92
N PRO D 35 -18.12 -12.45 -6.92
CA PRO D 35 -19.58 -12.61 -6.90
C PRO D 35 -20.35 -11.29 -6.88
N ALA D 36 -21.56 -11.31 -7.40
CA ALA D 36 -22.43 -10.15 -7.39
C ALA D 36 -22.60 -9.77 -5.92
N SER D 37 -22.98 -8.53 -5.64
CA SER D 37 -23.20 -8.12 -4.25
C SER D 37 -24.38 -7.18 -4.15
N ASN D 38 -24.97 -7.11 -2.97
CA ASN D 38 -26.13 -6.26 -2.75
C ASN D 38 -25.81 -5.01 -1.94
N HIS D 39 -26.46 -3.90 -2.31
CA HIS D 39 -26.27 -2.62 -1.62
C HIS D 39 -27.52 -1.78 -1.65
N THR D 40 -27.47 -0.69 -0.89
CA THR D 40 -28.58 0.26 -0.89
C THR D 40 -27.99 1.67 -0.92
N TYR D 41 -28.76 2.61 -1.43
CA TYR D 41 -28.34 4.00 -1.54
C TYR D 41 -29.50 4.89 -1.09
N THR D 42 -29.19 5.94 -0.34
CA THR D 42 -30.23 6.86 0.15
C THR D 42 -30.17 8.29 -0.41
N PRO D 43 -30.94 8.59 -1.46
CA PRO D 43 -30.98 9.93 -2.06
C PRO D 43 -31.14 10.96 -0.95
N ASP D 44 -30.50 12.13 -1.07
CA ASP D 44 -30.63 13.13 -0.01
C ASP D 44 -32.07 13.61 0.12
N PHE D 45 -32.68 14.07 -0.97
CA PHE D 45 -34.05 14.56 -0.91
C PHE D 45 -35.12 13.88 -1.77
N LEU D 46 -36.35 13.85 -1.24
CA LEU D 46 -37.50 13.35 -2.01
C LEU D 46 -38.47 14.50 -2.04
N LEU D 47 -38.73 14.98 -3.24
CA LEU D 47 -39.64 16.09 -3.46
C LEU D 47 -41.08 15.58 -3.46
N PRO D 48 -42.04 16.41 -3.03
CA PRO D 48 -43.46 16.06 -2.96
C PRO D 48 -43.99 15.53 -4.30
N ASN D 49 -43.42 15.98 -5.41
CA ASN D 49 -43.90 15.51 -6.68
C ASN D 49 -43.28 14.18 -7.11
N GLY D 50 -42.39 13.64 -6.28
CA GLY D 50 -41.82 12.35 -6.60
C GLY D 50 -40.42 12.30 -7.18
N ILE D 51 -39.81 13.47 -7.32
CA ILE D 51 -38.46 13.54 -7.82
C ILE D 51 -37.44 13.43 -6.68
N PHE D 52 -36.49 12.51 -6.80
CA PHE D 52 -35.47 12.36 -5.77
C PHE D 52 -34.29 13.23 -6.19
N VAL D 53 -33.64 13.88 -5.24
CA VAL D 53 -32.52 14.73 -5.58
C VAL D 53 -31.34 14.41 -4.72
N GLU D 54 -30.20 14.20 -5.35
CA GLU D 54 -28.98 13.89 -4.65
C GLU D 54 -28.12 15.14 -4.79
N THR D 55 -27.43 15.55 -3.72
CA THR D 55 -26.52 16.68 -3.84
C THR D 55 -25.11 16.08 -3.97
N LYS D 56 -24.24 16.68 -4.76
CA LYS D 56 -22.89 16.15 -4.95
C LYS D 56 -21.76 17.15 -5.18
N GLY D 57 -20.68 16.92 -4.45
CA GLY D 57 -19.47 17.70 -4.61
C GLY D 57 -18.68 16.73 -5.46
N LEU D 58 -17.74 16.05 -4.84
CA LEU D 58 -16.95 15.05 -5.53
C LEU D 58 -17.91 13.93 -5.96
N TRP D 59 -17.78 13.44 -7.18
CA TRP D 59 -18.64 12.38 -7.66
C TRP D 59 -17.72 11.30 -8.22
N GLU D 60 -17.42 10.29 -7.39
CA GLU D 60 -16.49 9.23 -7.78
C GLU D 60 -16.98 8.21 -8.84
N SER D 61 -16.04 7.45 -9.37
CA SER D 61 -16.36 6.43 -10.36
C SER D 61 -17.41 5.43 -9.83
N ASP D 62 -17.24 4.97 -8.61
CA ASP D 62 -18.18 4.00 -8.06
C ASP D 62 -19.56 4.60 -7.92
N ASP D 63 -19.62 5.90 -7.59
CA ASP D 63 -20.91 6.57 -7.45
C ASP D 63 -21.60 6.66 -8.82
N ARG D 64 -20.84 7.06 -9.84
CA ARG D 64 -21.38 7.18 -11.20
C ARG D 64 -21.90 5.82 -11.63
N LYS D 65 -21.12 4.76 -11.41
CA LYS D 65 -21.57 3.43 -11.80
C LYS D 65 -22.84 3.07 -11.05
N LYS D 66 -22.94 3.49 -9.79
CA LYS D 66 -24.14 3.16 -9.02
C LYS D 66 -25.39 3.77 -9.68
N HIS D 67 -25.34 5.07 -9.99
CA HIS D 67 -26.49 5.72 -10.63
C HIS D 67 -26.86 4.99 -11.93
N LEU D 68 -25.87 4.51 -12.67
CA LEU D 68 -26.22 3.77 -13.88
C LEU D 68 -26.93 2.44 -13.57
N LEU D 69 -26.42 1.69 -12.60
CA LEU D 69 -27.04 0.41 -12.23
C LEU D 69 -28.44 0.63 -11.74
N ILE D 70 -28.64 1.68 -10.93
CA ILE D 70 -29.96 1.95 -10.40
C ILE D 70 -30.93 2.26 -11.53
N ARG D 71 -30.46 3.00 -12.52
CA ARG D 71 -31.31 3.33 -13.65
C ARG D 71 -31.72 2.08 -14.41
N GLU D 72 -30.76 1.18 -14.60
CA GLU D 72 -30.99 -0.07 -15.29
C GLU D 72 -31.95 -0.95 -14.45
N GLN D 73 -31.72 -1.01 -13.15
CA GLN D 73 -32.54 -1.81 -12.26
C GLN D 73 -33.88 -1.24 -11.80
N HIS D 74 -33.98 0.08 -11.73
CA HIS D 74 -35.23 0.69 -11.30
C HIS D 74 -35.61 1.84 -12.20
N PRO D 75 -35.88 1.55 -13.48
CA PRO D 75 -36.25 2.57 -14.47
C PRO D 75 -37.42 3.47 -14.09
N GLU D 76 -38.27 3.06 -13.16
CA GLU D 76 -39.38 3.92 -12.76
C GLU D 76 -38.88 5.07 -11.87
N LEU D 77 -37.78 4.86 -11.14
CA LEU D 77 -37.23 5.89 -10.25
C LEU D 77 -36.69 7.10 -11.01
N ASP D 78 -36.96 8.28 -10.46
CA ASP D 78 -36.50 9.55 -11.03
C ASP D 78 -35.50 10.12 -10.02
N ILE D 79 -34.21 9.98 -10.30
CA ILE D 79 -33.16 10.47 -9.40
C ILE D 79 -32.32 11.50 -10.14
N ARG D 80 -32.37 12.74 -9.68
CA ARG D 80 -31.61 13.82 -10.31
C ARG D 80 -30.47 14.27 -9.41
N ILE D 81 -29.52 14.95 -10.01
CA ILE D 81 -28.38 15.41 -9.26
C ILE D 81 -28.13 16.92 -9.29
N VAL D 82 -27.86 17.49 -8.11
CA VAL D 82 -27.50 18.89 -8.01
C VAL D 82 -26.04 18.89 -7.59
N PHE D 83 -25.18 19.42 -8.46
CA PHE D 83 -23.73 19.46 -8.22
C PHE D 83 -23.27 20.79 -7.69
N SER D 84 -22.17 20.78 -6.94
CA SER D 84 -21.52 22.01 -6.47
C SER D 84 -20.92 22.53 -7.77
N SER D 85 -20.42 21.61 -8.63
CA SER D 85 -19.92 22.01 -9.95
C SER D 85 -19.94 20.93 -11.03
N SER D 86 -20.88 21.05 -11.95
CA SER D 86 -20.99 20.09 -13.03
C SER D 86 -19.86 20.18 -14.08
N ARG D 87 -18.97 21.16 -13.98
CA ARG D 87 -17.89 21.24 -14.97
C ARG D 87 -16.75 20.35 -14.54
N THR D 88 -16.76 19.89 -13.29
CA THR D 88 -15.69 19.04 -12.81
C THR D 88 -15.38 17.87 -13.77
N LYS D 89 -14.11 17.59 -14.01
CA LYS D 89 -13.74 16.47 -14.88
C LYS D 89 -13.91 15.16 -14.13
N LEU D 90 -14.32 14.10 -14.83
CA LEU D 90 -14.55 12.80 -14.18
C LEU D 90 -13.40 12.43 -13.26
N TYR D 91 -12.18 12.60 -13.76
CA TYR D 91 -10.97 12.34 -12.98
C TYR D 91 -9.88 13.26 -13.54
N LYS D 92 -8.74 13.42 -12.85
CA LYS D 92 -7.71 14.33 -13.36
C LYS D 92 -7.23 13.87 -14.71
N GLY D 93 -7.25 14.78 -15.67
CA GLY D 93 -6.79 14.43 -17.02
C GLY D 93 -7.94 14.12 -17.96
N SER D 94 -9.07 13.71 -17.41
CA SER D 94 -10.20 13.40 -18.26
C SER D 94 -10.76 14.63 -18.99
N PRO D 95 -11.12 14.45 -20.26
CA PRO D 95 -11.69 15.55 -21.05
C PRO D 95 -13.20 15.70 -20.72
N THR D 96 -13.78 14.65 -20.15
CA THR D 96 -15.20 14.61 -19.82
C THR D 96 -15.58 15.19 -18.45
N SER D 97 -16.69 15.91 -18.41
CA SER D 97 -17.18 16.52 -17.15
C SER D 97 -18.39 15.78 -16.60
N TYR D 98 -18.67 16.01 -15.31
CA TYR D 98 -19.80 15.43 -14.60
C TYR D 98 -21.04 15.66 -15.43
N GLY D 99 -21.14 16.90 -15.94
CA GLY D 99 -22.26 17.28 -16.79
C GLY D 99 -22.38 16.48 -18.08
N GLU D 100 -21.29 16.33 -18.84
CA GLU D 100 -21.35 15.57 -20.09
C GLU D 100 -21.71 14.12 -19.84
N PHE D 101 -21.24 13.57 -18.72
CA PHE D 101 -21.54 12.18 -18.39
C PHE D 101 -23.08 12.06 -18.15
N CYS D 102 -23.65 13.02 -17.42
CA CYS D 102 -25.07 13.02 -17.15
C CYS D 102 -25.89 13.09 -18.44
N GLU D 103 -25.55 14.05 -19.31
CA GLU D 103 -26.26 14.21 -20.60
C GLU D 103 -26.14 12.93 -21.41
N LYS D 104 -24.97 12.31 -21.41
CA LYS D 104 -24.79 11.08 -22.17
C LYS D 104 -25.56 9.91 -21.59
N HIS D 105 -25.79 9.89 -20.28
CA HIS D 105 -26.51 8.77 -19.72
C HIS D 105 -27.94 9.08 -19.32
N GLY D 106 -28.43 10.22 -19.79
CA GLY D 106 -29.80 10.62 -19.48
C GLY D 106 -30.09 11.03 -18.04
N ILE D 107 -29.06 11.45 -17.31
CA ILE D 107 -29.25 11.87 -15.93
C ILE D 107 -29.49 13.38 -15.90
N LYS D 108 -30.58 13.76 -15.26
CA LYS D 108 -30.95 15.16 -15.16
C LYS D 108 -30.17 15.77 -14.03
N PHE D 109 -29.59 16.93 -14.30
CA PHE D 109 -28.78 17.57 -13.28
C PHE D 109 -28.89 19.09 -13.27
N ALA D 110 -28.33 19.67 -12.23
CA ALA D 110 -28.33 21.12 -12.04
C ALA D 110 -27.13 21.49 -11.20
N ASP D 111 -26.90 22.78 -11.09
CA ASP D 111 -25.79 23.28 -10.31
C ASP D 111 -26.25 24.16 -9.15
N LYS D 112 -25.64 23.97 -7.97
CA LYS D 112 -25.91 24.76 -6.76
C LYS D 112 -27.28 24.65 -6.08
N LEU D 113 -28.35 24.92 -6.80
CA LEU D 113 -29.70 24.87 -6.27
C LEU D 113 -30.62 24.07 -7.18
N ILE D 114 -31.66 23.48 -6.57
CA ILE D 114 -32.67 22.70 -7.30
C ILE D 114 -33.40 23.71 -8.21
N PRO D 115 -33.43 23.47 -9.51
CA PRO D 115 -34.12 24.42 -10.40
C PRO D 115 -35.61 24.46 -10.03
N ALA D 116 -36.19 25.65 -10.13
CA ALA D 116 -37.60 25.81 -9.78
C ALA D 116 -38.53 24.98 -10.66
N GLU D 117 -38.10 24.75 -11.89
CA GLU D 117 -38.93 24.00 -12.82
C GLU D 117 -39.06 22.55 -12.37
N TRP D 118 -38.07 22.03 -11.62
CA TRP D 118 -38.21 20.65 -11.18
C TRP D 118 -39.32 20.59 -10.14
N ILE D 119 -39.20 21.44 -9.13
CA ILE D 119 -40.17 21.50 -8.07
C ILE D 119 -41.62 21.66 -8.55
N LYS D 120 -41.79 22.38 -9.65
CA LYS D 120 -43.12 22.64 -10.24
C LYS D 120 -43.64 21.51 -11.12
N GLU D 121 -42.83 20.49 -11.42
CA GLU D 121 -43.30 19.40 -12.28
C GLU D 121 -44.49 18.69 -11.64
N PRO D 122 -45.46 18.27 -12.44
CA PRO D 122 -46.65 17.59 -11.93
C PRO D 122 -46.26 16.36 -11.13
N LYS D 123 -46.96 16.16 -10.01
CA LYS D 123 -46.77 15.02 -9.13
C LYS D 123 -46.91 13.72 -9.93
N LYS D 124 -45.97 12.81 -9.73
CA LYS D 124 -46.01 11.52 -10.41
C LYS D 124 -45.85 10.42 -9.36
N GLU D 125 -46.08 9.19 -9.77
CA GLU D 125 -46.02 8.09 -8.81
C GLU D 125 -44.60 7.58 -8.56
N VAL D 126 -44.27 7.42 -7.29
CA VAL D 126 -42.96 6.90 -6.87
C VAL D 126 -43.09 5.38 -6.65
N PRO D 127 -42.19 4.58 -7.23
CA PRO D 127 -42.26 3.13 -7.06
C PRO D 127 -41.83 2.60 -5.67
N PHE D 128 -42.58 2.97 -4.64
CA PHE D 128 -42.30 2.51 -3.30
C PHE D 128 -42.24 0.99 -3.11
N ASP D 129 -42.79 0.24 -4.07
CA ASP D 129 -42.83 -1.21 -4.03
C ASP D 129 -41.47 -1.81 -4.27
N ARG D 130 -40.50 -0.94 -4.53
CA ARG D 130 -39.12 -1.36 -4.80
C ARG D 130 -38.15 -0.68 -3.85
N LEU D 131 -38.70 0.20 -3.01
CA LEU D 131 -37.94 0.96 -2.03
C LEU D 131 -38.20 0.48 -0.57
N LYS D 132 -37.36 0.90 0.36
CA LYS D 132 -37.55 0.59 1.78
C LYS D 132 -37.33 1.88 2.54
N ARG D 133 -38.21 2.17 3.49
CA ARG D 133 -38.10 3.36 4.33
C ARG D 133 -36.92 3.15 5.26
N LYS D 134 -36.12 4.21 5.49
CA LYS D 134 -34.97 4.13 6.40
C LYS D 134 -35.46 3.93 7.83
S SO4 E . 11.13 -5.08 24.57
O1 SO4 E . 11.65 -5.33 23.21
O2 SO4 E . 12.25 -4.85 25.51
O3 SO4 E . 10.27 -3.87 24.55
O4 SO4 E . 10.32 -6.22 25.04
S SO4 F . 0.36 -0.91 -11.10
O1 SO4 F . 0.98 0.17 -10.31
O2 SO4 F . 0.16 -0.45 -12.49
O3 SO4 F . 1.25 -2.08 -11.08
O4 SO4 F . -0.95 -1.26 -10.50
S SO4 G . -21.31 16.54 -0.89
O1 SO4 G . -21.28 15.26 -1.64
O2 SO4 G . -22.65 17.17 -1.00
O3 SO4 G . -21.00 16.27 0.52
O4 SO4 G . -20.30 17.48 -1.43
#